data_1F8Y
#
_entry.id   1F8Y
#
_cell.length_a   149.600
_cell.length_b   149.600
_cell.length_c   149.600
_cell.angle_alpha   90.00
_cell.angle_beta   90.00
_cell.angle_gamma   90.00
#
_symmetry.space_group_name_H-M   'I 21 3'
#
loop_
_entity.id
_entity.type
_entity.pdbx_description
1 polymer 'NUCLEOSIDE 2-DEOXYRIBOSYLTRANSFERASE'
2 non-polymer "2'-deoxy-1-methyl-pseudouridine"
3 water water
#
_entity_poly.entity_id   1
_entity_poly.type   'polypeptide(L)'
_entity_poly.pdbx_seq_one_letter_code
;MPKKTIYFGAGWFTDRQNKAYKEAMEALKENPTIDLENSYVPLDNQYKGIRVDEHPEYLHDKVWATATYNNDLNGIKTND
IMLGVYIPDEEDVGLGMELGYALSQGKYVLLVIPDEDYGKPINLMSWGVSDNVIKMSQLKDFNFNKPRFDFYEGAVY
;
_entity_poly.pdbx_strand_id   A,B
#
loop_
_chem_comp.id
_chem_comp.type
_chem_comp.name
_chem_comp.formula
5MD DNA linking 2'-deoxy-1-methyl-pseudouridine 'C10 H14 N2 O5'
#
# COMPACT_ATOMS: atom_id res chain seq x y z
N PRO A 2 -24.87 -12.98 -14.89
CA PRO A 2 -23.47 -13.37 -14.63
C PRO A 2 -23.16 -13.09 -13.15
N LYS A 3 -22.05 -13.63 -12.67
CA LYS A 3 -21.61 -13.45 -11.29
C LYS A 3 -20.10 -13.26 -11.35
N LYS A 4 -19.56 -12.43 -10.48
CA LYS A 4 -18.12 -12.18 -10.46
C LYS A 4 -17.52 -12.71 -9.15
N THR A 5 -16.21 -12.97 -9.19
CA THR A 5 -15.51 -13.44 -8.00
C THR A 5 -14.67 -12.27 -7.52
N ILE A 6 -14.37 -12.23 -6.24
CA ILE A 6 -13.60 -11.15 -5.66
C ILE A 6 -12.44 -11.64 -4.81
N TYR A 7 -11.51 -10.72 -4.55
CA TYR A 7 -10.38 -10.99 -3.66
C TYR A 7 -10.81 -10.14 -2.46
N PHE A 8 -10.94 -10.76 -1.28
CA PHE A 8 -11.37 -10.06 -0.08
C PHE A 8 -10.25 -9.33 0.64
N GLY A 9 -9.91 -8.13 0.17
CA GLY A 9 -8.86 -7.36 0.80
C GLY A 9 -9.34 -6.67 2.06
N ALA A 10 -8.96 -7.19 3.22
CA ALA A 10 -9.40 -6.60 4.47
C ALA A 10 -8.48 -7.00 5.60
N GLY A 11 -8.07 -6.02 6.40
CA GLY A 11 -7.21 -6.30 7.54
C GLY A 11 -8.03 -6.89 8.66
N TRP A 12 -7.35 -7.46 9.65
CA TRP A 12 -8.03 -8.08 10.78
C TRP A 12 -7.15 -7.87 12.01
N PHE A 13 -6.58 -6.68 12.10
CA PHE A 13 -5.64 -6.34 13.16
C PHE A 13 -6.14 -5.39 14.26
N THR A 14 -7.36 -4.91 14.14
CA THR A 14 -7.95 -4.04 15.16
C THR A 14 -9.42 -4.41 15.23
N ASP A 15 -10.12 -3.94 16.28
CA ASP A 15 -11.54 -4.25 16.42
C ASP A 15 -12.41 -3.61 15.35
N ARG A 16 -12.07 -2.39 14.95
CA ARG A 16 -12.83 -1.70 13.92
C ARG A 16 -12.70 -2.50 12.62
N GLN A 17 -11.48 -2.97 12.33
CA GLN A 17 -11.25 -3.76 11.13
C GLN A 17 -12.04 -5.07 11.17
N ASN A 18 -12.01 -5.74 12.31
CA ASN A 18 -12.73 -7.01 12.45
C ASN A 18 -14.23 -6.84 12.33
N LYS A 19 -14.73 -5.70 12.75
CA LYS A 19 -16.15 -5.41 12.70
C LYS A 19 -16.52 -5.20 11.22
N ALA A 20 -15.74 -4.36 10.54
CA ALA A 20 -15.96 -4.07 9.13
C ALA A 20 -15.86 -5.34 8.29
N TYR A 21 -14.96 -6.23 8.70
CA TYR A 21 -14.71 -7.50 8.02
C TYR A 21 -15.98 -8.35 8.03
N LYS A 22 -16.62 -8.45 9.19
CA LYS A 22 -17.85 -9.23 9.32
C LYS A 22 -19.01 -8.63 8.53
N GLU A 23 -19.18 -7.31 8.62
CA GLU A 23 -20.24 -6.62 7.91
C GLU A 23 -20.11 -6.83 6.40
N ALA A 24 -18.89 -6.67 5.88
CA ALA A 24 -18.65 -6.83 4.44
C ALA A 24 -18.93 -8.24 3.97
N MET A 25 -18.56 -9.23 4.79
CA MET A 25 -18.77 -10.64 4.44
C MET A 25 -20.25 -10.94 4.37
N GLU A 26 -21.03 -10.28 5.23
CA GLU A 26 -22.47 -10.47 5.26
C GLU A 26 -23.13 -9.81 4.05
N ALA A 27 -22.67 -8.61 3.71
CA ALA A 27 -23.19 -7.90 2.56
C ALA A 27 -22.92 -8.71 1.28
N LEU A 28 -21.72 -9.25 1.17
CA LEU A 28 -21.34 -10.04 0.00
C LEU A 28 -22.15 -11.34 -0.15
N LYS A 29 -22.56 -11.92 0.97
CA LYS A 29 -23.36 -13.14 0.91
C LYS A 29 -24.75 -12.83 0.38
N GLU A 30 -25.16 -11.57 0.47
CA GLU A 30 -26.48 -11.15 0.01
C GLU A 30 -26.47 -10.62 -1.42
N ASN A 31 -25.28 -10.38 -1.96
CA ASN A 31 -25.18 -9.84 -3.29
C ASN A 31 -25.39 -10.91 -4.36
N PRO A 32 -26.45 -10.78 -5.16
CA PRO A 32 -26.74 -11.76 -6.21
C PRO A 32 -25.71 -11.81 -7.36
N THR A 33 -24.90 -10.76 -7.51
CA THR A 33 -23.92 -10.74 -8.58
C THR A 33 -22.53 -11.24 -8.15
N ILE A 34 -22.40 -11.70 -6.91
CA ILE A 34 -21.12 -12.20 -6.40
C ILE A 34 -21.15 -13.72 -6.18
N ASP A 35 -20.07 -14.38 -6.60
CA ASP A 35 -19.92 -15.82 -6.43
C ASP A 35 -18.87 -15.90 -5.32
N LEU A 36 -19.32 -15.95 -4.07
CA LEU A 36 -18.44 -16.01 -2.92
C LEU A 36 -17.69 -17.33 -2.73
N GLU A 37 -18.30 -18.43 -3.12
CA GLU A 37 -17.67 -19.73 -2.99
C GLU A 37 -16.35 -19.82 -3.75
N ASN A 38 -16.33 -19.27 -4.96
CA ASN A 38 -15.12 -19.32 -5.76
C ASN A 38 -14.24 -18.09 -5.61
N SER A 39 -14.50 -17.26 -4.61
CA SER A 39 -13.68 -16.08 -4.37
C SER A 39 -12.51 -16.47 -3.48
N TYR A 40 -11.58 -15.54 -3.28
CA TYR A 40 -10.40 -15.83 -2.46
C TYR A 40 -10.43 -15.00 -1.20
N VAL A 41 -10.40 -15.69 -0.06
CA VAL A 41 -10.43 -15.02 1.24
C VAL A 41 -9.06 -15.32 1.84
N PRO A 42 -8.22 -14.28 2.03
CA PRO A 42 -6.87 -14.42 2.59
C PRO A 42 -6.79 -15.25 3.86
N LEU A 43 -7.62 -14.90 4.84
CA LEU A 43 -7.63 -15.58 6.13
C LEU A 43 -7.78 -17.10 6.03
N ASP A 44 -8.43 -17.60 4.97
CA ASP A 44 -8.58 -19.05 4.80
C ASP A 44 -7.53 -19.57 3.83
N ASN A 45 -6.53 -18.74 3.53
CA ASN A 45 -5.52 -19.12 2.57
C ASN A 45 -4.08 -18.87 2.96
N GLN A 46 -3.82 -18.69 4.26
CA GLN A 46 -2.44 -18.48 4.72
C GLN A 46 -1.75 -19.83 4.50
N TYR A 47 -0.47 -19.83 4.19
CA TYR A 47 0.25 -21.08 3.95
C TYR A 47 0.09 -22.08 5.08
N LYS A 48 -0.12 -23.34 4.73
CA LYS A 48 -0.29 -24.41 5.71
C LYS A 48 -1.48 -24.20 6.64
N GLY A 49 -2.33 -23.23 6.29
CA GLY A 49 -3.50 -22.93 7.07
C GLY A 49 -3.20 -22.29 8.41
N ILE A 50 -1.97 -21.83 8.62
CA ILE A 50 -1.67 -21.23 9.91
C ILE A 50 -1.49 -19.71 9.87
N ARG A 51 -2.15 -19.04 10.80
CA ARG A 51 -2.07 -17.60 10.93
C ARG A 51 -0.91 -17.33 11.89
N VAL A 52 -0.03 -16.41 11.52
CA VAL A 52 1.13 -16.09 12.35
C VAL A 52 0.77 -15.50 13.70
N ASP A 53 -0.42 -14.92 13.80
CA ASP A 53 -0.79 -14.33 15.08
C ASP A 53 -1.25 -15.41 16.06
N GLU A 54 -1.50 -16.60 15.56
CA GLU A 54 -1.93 -17.73 16.39
C GLU A 54 -0.72 -18.62 16.66
N HIS A 55 0.25 -18.54 15.76
CA HIS A 55 1.47 -19.34 15.87
C HIS A 55 2.65 -18.43 15.56
N PRO A 56 3.02 -17.56 16.51
CA PRO A 56 4.13 -16.62 16.37
C PRO A 56 5.44 -17.20 15.90
N GLU A 57 5.60 -18.52 15.99
CA GLU A 57 6.84 -19.15 15.56
C GLU A 57 7.06 -18.95 14.07
N TYR A 58 5.99 -18.66 13.34
CA TYR A 58 6.10 -18.45 11.91
C TYR A 58 6.54 -17.04 11.51
N LEU A 59 6.73 -16.16 12.49
CA LEU A 59 7.17 -14.79 12.24
C LEU A 59 8.54 -14.77 11.59
N HIS A 60 9.26 -15.89 11.72
CA HIS A 60 10.60 -16.03 11.17
C HIS A 60 10.63 -17.33 10.39
N ASP A 61 9.97 -17.32 9.24
CA ASP A 61 9.90 -18.48 8.36
C ASP A 61 9.69 -17.92 6.96
N LYS A 62 10.77 -17.82 6.20
CA LYS A 62 10.73 -17.29 4.85
C LYS A 62 9.80 -18.10 3.94
N VAL A 63 9.78 -19.41 4.12
CA VAL A 63 8.92 -20.26 3.31
C VAL A 63 7.44 -19.92 3.53
N TRP A 64 7.06 -19.66 4.78
CA TRP A 64 5.67 -19.34 5.09
C TRP A 64 5.35 -18.01 4.45
N ALA A 65 6.24 -17.05 4.62
CA ALA A 65 6.05 -15.73 4.07
C ALA A 65 5.96 -15.73 2.53
N THR A 66 6.84 -16.46 1.87
CA THR A 66 6.85 -16.54 0.41
C THR A 66 5.55 -17.14 -0.15
N ALA A 67 5.14 -18.28 0.40
CA ALA A 67 3.94 -18.96 -0.07
C ALA A 67 2.65 -18.16 0.13
N THR A 68 2.51 -17.55 1.31
CA THR A 68 1.34 -16.76 1.63
C THR A 68 1.28 -15.51 0.77
N TYR A 69 2.43 -14.88 0.55
CA TYR A 69 2.51 -13.69 -0.29
C TYR A 69 2.08 -14.07 -1.71
N ASN A 70 2.70 -15.12 -2.25
CA ASN A 70 2.38 -15.61 -3.59
C ASN A 70 0.93 -16.04 -3.76
N ASN A 71 0.38 -16.71 -2.75
CA ASN A 71 -1.01 -17.17 -2.80
C ASN A 71 -1.93 -15.95 -2.85
N ASP A 72 -1.61 -14.91 -2.08
CA ASP A 72 -2.41 -13.69 -2.10
C ASP A 72 -2.38 -13.08 -3.51
N LEU A 73 -1.18 -12.94 -4.09
CA LEU A 73 -1.08 -12.38 -5.45
C LEU A 73 -1.91 -13.19 -6.43
N ASN A 74 -1.86 -14.51 -6.30
CA ASN A 74 -2.62 -15.40 -7.14
C ASN A 74 -4.11 -15.17 -6.92
N GLY A 75 -4.47 -14.83 -5.69
CA GLY A 75 -5.86 -14.57 -5.37
C GLY A 75 -6.38 -13.33 -6.06
N ILE A 76 -5.52 -12.33 -6.24
CA ILE A 76 -5.91 -11.09 -6.91
C ILE A 76 -5.96 -11.29 -8.41
N LYS A 77 -4.91 -11.85 -8.99
CA LYS A 77 -4.85 -12.03 -10.43
C LYS A 77 -5.88 -12.98 -11.05
N THR A 78 -6.32 -13.98 -10.31
CA THR A 78 -7.28 -14.91 -10.88
C THR A 78 -8.73 -14.54 -10.56
N ASN A 79 -8.95 -13.44 -9.86
CA ASN A 79 -10.33 -13.04 -9.54
C ASN A 79 -10.75 -11.76 -10.26
N ASP A 80 -12.05 -11.60 -10.43
CA ASP A 80 -12.60 -10.45 -11.13
C ASP A 80 -12.40 -9.11 -10.48
N ILE A 81 -12.87 -8.99 -9.25
CA ILE A 81 -12.82 -7.71 -8.54
C ILE A 81 -11.91 -7.64 -7.32
N MET A 82 -11.28 -6.48 -7.17
CA MET A 82 -10.41 -6.22 -6.03
C MET A 82 -11.25 -5.44 -5.02
N LEU A 83 -11.64 -6.09 -3.92
CA LEU A 83 -12.43 -5.41 -2.89
C LEU A 83 -11.53 -5.03 -1.71
N GLY A 84 -11.59 -3.77 -1.31
CA GLY A 84 -10.81 -3.31 -0.19
C GLY A 84 -11.66 -2.72 0.93
N VAL A 85 -11.82 -3.44 2.03
CA VAL A 85 -12.57 -2.92 3.18
C VAL A 85 -11.60 -1.90 3.76
N TYR A 86 -12.00 -0.63 3.77
CA TYR A 86 -11.12 0.46 4.18
C TYR A 86 -11.62 1.24 5.40
N ILE A 87 -10.74 1.35 6.40
CA ILE A 87 -11.03 2.09 7.63
C ILE A 87 -10.09 3.29 7.58
N PRO A 88 -10.62 4.49 7.28
CA PRO A 88 -9.86 5.74 7.19
C PRO A 88 -8.86 6.02 8.31
N ASP A 89 -9.26 5.77 9.57
CA ASP A 89 -8.39 6.01 10.73
C ASP A 89 -7.37 4.92 11.04
N GLU A 90 -7.43 3.80 10.32
CA GLU A 90 -6.52 2.69 10.52
C GLU A 90 -6.19 2.07 9.16
N GLU A 91 -5.61 2.88 8.27
CA GLU A 91 -5.28 2.44 6.93
C GLU A 91 -4.20 1.36 6.94
N ASP A 92 -4.35 0.38 6.06
CA ASP A 92 -3.44 -0.76 6.02
C ASP A 92 -2.42 -0.78 4.89
N VAL A 93 -1.14 -0.80 5.24
CA VAL A 93 -0.06 -0.84 4.26
C VAL A 93 -0.19 -2.06 3.34
N GLY A 94 -0.67 -3.17 3.90
CA GLY A 94 -0.83 -4.38 3.12
C GLY A 94 -1.88 -4.20 2.05
N LEU A 95 -3.01 -3.60 2.43
CA LEU A 95 -4.11 -3.35 1.51
C LEU A 95 -3.65 -2.38 0.44
N GLY A 96 -2.81 -1.43 0.85
CA GLY A 96 -2.29 -0.45 -0.09
C GLY A 96 -1.48 -1.10 -1.20
N MET A 97 -0.54 -1.96 -0.80
CA MET A 97 0.31 -2.65 -1.78
C MET A 97 -0.57 -3.43 -2.74
N GLU A 98 -1.60 -4.09 -2.20
CA GLU A 98 -2.53 -4.88 -2.99
C GLU A 98 -3.34 -4.06 -3.96
N LEU A 99 -3.64 -2.81 -3.62
CA LEU A 99 -4.38 -1.94 -4.53
C LEU A 99 -3.50 -1.66 -5.73
N GLY A 100 -2.24 -1.35 -5.45
CA GLY A 100 -1.28 -1.10 -6.51
C GLY A 100 -1.15 -2.31 -7.41
N TYR A 101 -1.01 -3.48 -6.78
CA TYR A 101 -0.88 -4.72 -7.54
C TYR A 101 -2.14 -4.97 -8.38
N ALA A 102 -3.32 -4.75 -7.81
CA ALA A 102 -4.58 -4.94 -8.55
C ALA A 102 -4.62 -4.01 -9.77
N LEU A 103 -4.15 -2.78 -9.61
CA LEU A 103 -4.11 -1.83 -10.71
C LEU A 103 -3.24 -2.40 -11.84
N SER A 104 -2.11 -2.99 -11.46
CA SER A 104 -1.19 -3.53 -12.45
C SER A 104 -1.80 -4.69 -13.22
N GLN A 105 -2.71 -5.40 -12.57
CA GLN A 105 -3.38 -6.52 -13.22
C GLN A 105 -4.66 -6.09 -13.94
N GLY A 106 -4.97 -4.80 -13.91
CA GLY A 106 -6.16 -4.32 -14.59
C GLY A 106 -7.49 -4.73 -14.00
N LYS A 107 -7.56 -4.85 -12.68
CA LYS A 107 -8.81 -5.24 -12.02
C LYS A 107 -9.60 -3.99 -11.59
N TYR A 108 -10.90 -4.14 -11.41
CA TYR A 108 -11.72 -3.03 -10.93
C TYR A 108 -11.37 -2.98 -9.45
N VAL A 109 -11.07 -1.78 -8.95
CA VAL A 109 -10.71 -1.60 -7.54
C VAL A 109 -11.83 -0.85 -6.83
N LEU A 110 -12.53 -1.54 -5.94
CA LEU A 110 -13.61 -0.94 -5.20
C LEU A 110 -13.30 -0.87 -3.73
N LEU A 111 -13.35 0.32 -3.16
CA LEU A 111 -13.12 0.48 -1.73
C LEU A 111 -14.50 0.55 -1.06
N VAL A 112 -14.61 -0.07 0.11
CA VAL A 112 -15.85 -0.08 0.86
C VAL A 112 -15.55 0.45 2.26
N ILE A 113 -16.13 1.59 2.61
CA ILE A 113 -15.88 2.19 3.91
C ILE A 113 -17.12 2.11 4.80
N PRO A 114 -16.93 1.75 6.08
CA PRO A 114 -18.06 1.65 7.01
C PRO A 114 -18.84 2.96 6.97
N ASP A 115 -20.17 2.87 6.94
CA ASP A 115 -21.04 4.04 6.89
C ASP A 115 -20.65 5.17 7.84
N GLU A 116 -20.39 4.81 9.09
CA GLU A 116 -20.03 5.79 10.10
C GLU A 116 -18.79 6.58 9.73
N ASP A 117 -17.91 5.99 8.91
CA ASP A 117 -16.67 6.67 8.52
C ASP A 117 -16.67 7.26 7.13
N TYR A 118 -17.70 6.97 6.34
CA TYR A 118 -17.73 7.48 4.97
C TYR A 118 -17.71 9.00 4.95
N GLY A 119 -16.66 9.56 4.36
CA GLY A 119 -16.53 10.99 4.31
C GLY A 119 -15.22 11.47 4.91
N LYS A 120 -14.71 10.74 5.91
CA LYS A 120 -13.45 11.14 6.55
C LYS A 120 -12.33 11.11 5.52
N PRO A 121 -11.27 11.91 5.73
CA PRO A 121 -10.13 11.97 4.80
C PRO A 121 -9.45 10.62 4.57
N ILE A 122 -9.09 10.32 3.32
CA ILE A 122 -8.36 9.09 3.01
C ILE A 122 -7.10 9.47 2.25
N ASN A 123 -6.07 8.62 2.35
CA ASN A 123 -4.79 8.86 1.70
C ASN A 123 -4.94 9.07 0.20
N LEU A 124 -4.29 10.10 -0.32
CA LEU A 124 -4.29 10.43 -1.73
C LEU A 124 -4.08 9.21 -2.63
N MET A 125 -3.06 8.42 -2.32
CA MET A 125 -2.73 7.26 -3.14
C MET A 125 -3.86 6.25 -3.22
N SER A 126 -4.67 6.13 -2.16
CA SER A 126 -5.79 5.19 -2.15
C SER A 126 -6.94 5.72 -3.00
N TRP A 127 -7.16 7.03 -2.91
CA TRP A 127 -8.19 7.70 -3.69
C TRP A 127 -7.83 7.52 -5.17
N GLY A 128 -6.55 7.71 -5.48
CA GLY A 128 -6.08 7.60 -6.85
C GLY A 128 -6.24 6.25 -7.53
N VAL A 129 -5.84 5.16 -6.88
CA VAL A 129 -5.97 3.83 -7.47
C VAL A 129 -7.41 3.36 -7.59
N SER A 130 -8.25 3.82 -6.68
CA SER A 130 -9.66 3.41 -6.68
C SER A 130 -10.48 3.77 -7.89
N ASP A 131 -11.35 2.86 -8.29
CA ASP A 131 -12.24 3.14 -9.40
C ASP A 131 -13.56 3.64 -8.86
N ASN A 132 -13.77 3.44 -7.56
CA ASN A 132 -14.99 3.85 -6.91
C ASN A 132 -14.83 3.53 -5.43
N VAL A 133 -15.58 4.24 -4.59
CA VAL A 133 -15.54 4.03 -3.15
C VAL A 133 -16.96 4.26 -2.65
N ILE A 134 -17.51 3.24 -2.02
CA ILE A 134 -18.87 3.26 -1.53
C ILE A 134 -18.92 2.95 -0.04
N LYS A 135 -20.08 3.10 0.56
CA LYS A 135 -20.23 2.81 1.97
C LYS A 135 -20.71 1.38 2.15
N MET A 136 -20.40 0.80 3.30
CA MET A 136 -20.75 -0.57 3.63
C MET A 136 -22.20 -0.94 3.29
N SER A 137 -23.13 -0.03 3.59
CA SER A 137 -24.54 -0.27 3.37
C SER A 137 -24.94 -0.49 1.91
N GLN A 138 -24.16 0.04 0.97
CA GLN A 138 -24.46 -0.12 -0.46
C GLN A 138 -23.92 -1.43 -1.03
N LEU A 139 -22.98 -2.05 -0.31
CA LEU A 139 -22.33 -3.27 -0.78
C LEU A 139 -23.24 -4.41 -1.18
N LYS A 140 -24.28 -4.66 -0.38
CA LYS A 140 -25.21 -5.75 -0.67
C LYS A 140 -25.99 -5.56 -1.96
N ASP A 141 -26.02 -4.34 -2.48
CA ASP A 141 -26.76 -4.08 -3.70
C ASP A 141 -25.90 -3.72 -4.91
N PHE A 142 -24.63 -3.48 -4.69
CA PHE A 142 -23.73 -3.09 -5.76
C PHE A 142 -23.73 -4.08 -6.92
N ASN A 143 -23.92 -3.57 -8.13
CA ASN A 143 -23.94 -4.43 -9.33
C ASN A 143 -22.53 -4.62 -9.88
N PHE A 144 -21.90 -5.74 -9.53
CA PHE A 144 -20.55 -6.02 -10.01
C PHE A 144 -20.43 -6.42 -11.48
N ASN A 145 -21.56 -6.61 -12.17
CA ASN A 145 -21.53 -6.99 -13.58
C ASN A 145 -21.37 -5.78 -14.48
N LYS A 146 -21.60 -4.59 -13.94
CA LYS A 146 -21.47 -3.33 -14.69
C LYS A 146 -20.73 -2.31 -13.81
N PRO A 147 -19.51 -2.64 -13.37
CA PRO A 147 -18.78 -1.69 -12.52
C PRO A 147 -18.39 -0.43 -13.32
N ARG A 148 -18.59 0.74 -12.72
CA ARG A 148 -18.30 2.02 -13.35
C ARG A 148 -17.46 2.87 -12.38
N PHE A 149 -16.76 3.87 -12.93
CA PHE A 149 -15.91 4.76 -12.16
C PHE A 149 -16.68 5.87 -11.45
N ASP A 150 -16.21 6.28 -10.27
CA ASP A 150 -16.85 7.36 -9.52
C ASP A 150 -15.91 7.91 -8.47
N PHE A 151 -16.05 9.19 -8.15
CA PHE A 151 -15.21 9.85 -7.15
C PHE A 151 -15.77 9.65 -5.77
N TYR A 152 -14.85 9.63 -4.80
CA TYR A 152 -15.18 9.51 -3.38
C TYR A 152 -15.93 10.79 -3.01
N GLU A 153 -17.09 10.65 -2.38
CA GLU A 153 -17.84 11.81 -1.95
C GLU A 153 -17.30 12.04 -0.56
N GLY A 154 -16.04 12.50 -0.49
CA GLY A 154 -15.39 12.73 0.78
C GLY A 154 -14.06 13.44 0.61
N ALA A 155 -13.33 13.57 1.72
CA ALA A 155 -12.04 14.25 1.71
C ALA A 155 -10.86 13.31 1.47
N VAL A 156 -9.76 13.90 1.01
CA VAL A 156 -8.55 13.15 0.75
C VAL A 156 -7.36 14.00 1.17
N TYR A 157 -6.57 13.48 2.12
CA TYR A 157 -5.39 14.19 2.60
C TYR A 157 -4.16 13.85 1.76
N PRO B 2 28.56 5.69 -13.07
CA PRO B 2 27.16 6.08 -13.37
C PRO B 2 26.46 6.45 -12.05
N LYS B 3 25.32 7.11 -12.15
CA LYS B 3 24.57 7.49 -10.96
C LYS B 3 23.10 7.17 -11.25
N LYS B 4 22.31 6.93 -10.20
CA LYS B 4 20.90 6.59 -10.37
C LYS B 4 20.06 7.62 -9.66
N THR B 5 18.82 7.78 -10.11
CA THR B 5 17.90 8.71 -9.47
C THR B 5 16.90 7.87 -8.69
N ILE B 6 16.19 8.50 -7.76
CA ILE B 6 15.24 7.77 -6.93
C ILE B 6 13.92 8.51 -6.71
N TYR B 7 12.90 7.77 -6.34
CA TYR B 7 11.62 8.38 -5.99
C TYR B 7 11.71 8.30 -4.48
N PHE B 8 11.77 9.44 -3.80
CA PHE B 8 11.87 9.47 -2.35
C PHE B 8 10.54 9.18 -1.69
N GLY B 9 10.26 7.91 -1.44
CA GLY B 9 9.00 7.54 -0.82
C GLY B 9 9.10 7.54 0.69
N ALA B 10 8.59 8.61 1.30
CA ALA B 10 8.61 8.74 2.75
C ALA B 10 7.40 9.53 3.25
N GLY B 11 6.83 9.12 4.37
CA GLY B 11 5.70 9.82 4.95
C GLY B 11 6.20 11.05 5.70
N TRP B 12 5.27 11.88 6.19
CA TRP B 12 5.65 13.08 6.93
C TRP B 12 4.55 13.43 7.91
N PHE B 13 3.92 12.40 8.44
CA PHE B 13 2.79 12.56 9.35
C PHE B 13 3.03 12.22 10.83
N THR B 14 4.25 11.83 11.19
CA THR B 14 4.54 11.52 12.58
C THR B 14 5.96 11.98 12.90
N ASP B 15 6.30 12.07 14.17
CA ASP B 15 7.65 12.49 14.58
C ASP B 15 8.69 11.46 14.20
N ARG B 16 8.35 10.18 14.35
CA ARG B 16 9.28 9.13 13.98
C ARG B 16 9.50 9.16 12.47
N GLN B 17 8.44 9.43 11.72
CA GLN B 17 8.50 9.50 10.26
C GLN B 17 9.37 10.65 9.78
N ASN B 18 9.08 11.84 10.29
CA ASN B 18 9.85 13.03 9.91
C ASN B 18 11.31 12.91 10.34
N LYS B 19 11.55 12.11 11.38
CA LYS B 19 12.93 11.93 11.84
C LYS B 19 13.68 11.09 10.79
N ALA B 20 13.09 9.96 10.41
CA ALA B 20 13.69 9.07 9.42
C ALA B 20 13.86 9.77 8.08
N TYR B 21 12.88 10.59 7.71
CA TYR B 21 12.87 11.36 6.46
C TYR B 21 14.17 12.15 6.34
N LYS B 22 14.46 12.96 7.36
CA LYS B 22 15.67 13.78 7.39
C LYS B 22 16.93 12.92 7.34
N GLU B 23 16.95 11.86 8.15
CA GLU B 23 18.08 10.96 8.17
C GLU B 23 18.38 10.42 6.77
N ALA B 24 17.39 9.76 6.15
CA ALA B 24 17.53 9.19 4.82
C ALA B 24 17.95 10.23 3.81
N MET B 25 17.37 11.43 3.92
CA MET B 25 17.71 12.51 3.01
C MET B 25 19.21 12.72 3.09
N GLU B 26 19.71 12.83 4.31
CA GLU B 26 21.14 13.03 4.56
C GLU B 26 22.00 11.90 3.98
N ALA B 27 21.60 10.66 4.25
CA ALA B 27 22.34 9.51 3.73
C ALA B 27 22.43 9.57 2.21
N LEU B 28 21.33 9.89 1.56
CA LEU B 28 21.29 9.99 0.12
C LEU B 28 22.20 11.10 -0.37
N LYS B 29 22.21 12.21 0.37
CA LYS B 29 23.03 13.37 0.02
C LYS B 29 24.51 13.02 0.00
N GLU B 30 24.90 11.97 0.74
CA GLU B 30 26.30 11.55 0.78
C GLU B 30 26.64 10.38 -0.12
N ASN B 31 25.63 9.61 -0.51
CA ASN B 31 25.84 8.45 -1.37
C ASN B 31 26.29 8.85 -2.78
N PRO B 32 27.45 8.33 -3.23
CA PRO B 32 28.06 8.58 -4.54
C PRO B 32 27.26 8.08 -5.73
N THR B 33 26.55 6.97 -5.56
CA THR B 33 25.78 6.38 -6.64
C THR B 33 24.42 7.01 -6.87
N ILE B 34 24.07 8.02 -6.09
CA ILE B 34 22.77 8.68 -6.22
C ILE B 34 22.83 10.12 -6.75
N ASP B 35 22.09 10.36 -7.83
CA ASP B 35 21.97 11.68 -8.44
C ASP B 35 20.74 12.27 -7.78
N LEU B 36 20.92 12.82 -6.59
CA LEU B 36 19.79 13.39 -5.85
C LEU B 36 19.15 14.61 -6.51
N GLU B 37 19.90 15.36 -7.30
CA GLU B 37 19.38 16.56 -7.94
C GLU B 37 18.24 16.26 -8.91
N ASN B 38 18.39 15.21 -9.71
CA ASN B 38 17.36 14.87 -10.67
C ASN B 38 16.36 13.83 -10.17
N SER B 39 16.34 13.64 -8.86
CA SER B 39 15.42 12.69 -8.25
C SER B 39 14.11 13.41 -7.96
N TYR B 40 13.08 12.64 -7.69
CA TYR B 40 11.76 13.19 -7.39
C TYR B 40 11.41 12.99 -5.92
N VAL B 41 11.14 14.09 -5.22
CA VAL B 41 10.76 14.02 -3.82
C VAL B 41 9.37 14.64 -3.73
N PRO B 42 8.35 13.82 -3.39
CA PRO B 42 6.94 14.19 -3.27
C PRO B 42 6.59 15.51 -2.59
N LEU B 43 7.18 15.75 -1.42
CA LEU B 43 6.92 16.95 -0.64
C LEU B 43 7.24 18.25 -1.37
N ASP B 44 8.18 18.19 -2.30
CA ASP B 44 8.54 19.38 -3.07
C ASP B 44 7.76 19.43 -4.39
N ASN B 45 6.91 18.44 -4.61
CA ASN B 45 6.16 18.35 -5.87
C ASN B 45 4.63 18.22 -5.73
N GLN B 46 4.12 18.72 -4.62
CA GLN B 46 2.68 18.71 -4.40
C GLN B 46 2.15 19.78 -5.37
N TYR B 47 1.02 19.51 -6.01
CA TYR B 47 0.43 20.43 -6.98
C TYR B 47 0.30 21.88 -6.51
N LYS B 48 0.93 22.79 -7.25
CA LYS B 48 0.93 24.22 -6.94
C LYS B 48 1.67 24.49 -5.64
N GLY B 49 2.53 23.56 -5.22
CA GLY B 49 3.26 23.74 -3.99
C GLY B 49 2.37 23.70 -2.75
N ILE B 50 1.14 23.27 -2.91
CA ILE B 50 0.22 23.20 -1.80
C ILE B 50 0.32 21.88 -1.05
N ARG B 51 0.40 21.96 0.27
CA ARG B 51 0.45 20.78 1.11
C ARG B 51 -0.93 20.83 1.75
N VAL B 52 -1.74 19.81 1.53
CA VAL B 52 -3.10 19.81 2.08
C VAL B 52 -3.17 19.78 3.61
N ASP B 53 -2.20 19.14 4.25
CA ASP B 53 -2.17 19.08 5.71
C ASP B 53 -1.94 20.49 6.26
N GLU B 54 -1.49 21.37 5.37
CA GLU B 54 -1.15 22.74 5.68
C GLU B 54 -2.18 23.70 5.07
N HIS B 55 -3.18 23.16 4.39
CA HIS B 55 -4.22 23.95 3.74
C HIS B 55 -5.47 23.08 3.59
N PRO B 56 -6.17 22.81 4.69
CA PRO B 56 -7.38 21.99 4.69
C PRO B 56 -8.52 22.36 3.72
N GLU B 57 -8.42 23.49 3.04
CA GLU B 57 -9.45 23.91 2.08
C GLU B 57 -9.38 23.05 0.84
N TYR B 58 -8.19 22.50 0.57
CA TYR B 58 -7.96 21.66 -0.60
C TYR B 58 -8.29 20.18 -0.35
N LEU B 59 -8.75 19.88 0.85
CA LEU B 59 -9.13 18.53 1.25
C LEU B 59 -10.27 17.95 0.37
N HIS B 60 -10.88 18.81 -0.46
CA HIS B 60 -11.97 18.40 -1.37
C HIS B 60 -11.75 18.87 -2.80
N ASP B 61 -10.50 19.15 -3.16
CA ASP B 61 -10.16 19.61 -4.50
C ASP B 61 -9.81 18.42 -5.39
N LYS B 62 -10.75 17.99 -6.21
CA LYS B 62 -10.52 16.87 -7.13
C LYS B 62 -9.35 17.12 -8.08
N VAL B 63 -9.13 18.37 -8.46
CA VAL B 63 -8.06 18.73 -9.38
C VAL B 63 -6.68 18.71 -8.72
N TRP B 64 -6.62 19.08 -7.44
CA TRP B 64 -5.36 19.08 -6.71
C TRP B 64 -4.95 17.61 -6.49
N ALA B 65 -5.92 16.80 -6.11
CA ALA B 65 -5.66 15.39 -5.87
C ALA B 65 -5.20 14.69 -7.16
N THR B 66 -5.94 14.88 -8.25
CA THR B 66 -5.59 14.26 -9.52
C THR B 66 -4.15 14.60 -9.93
N ALA B 67 -3.86 15.90 -9.91
CA ALA B 67 -2.54 16.41 -10.30
C ALA B 67 -1.40 15.86 -9.45
N THR B 68 -1.59 15.84 -8.13
CA THR B 68 -0.54 15.35 -7.23
C THR B 68 -0.35 13.84 -7.38
N TYR B 69 -1.46 13.10 -7.41
CA TYR B 69 -1.42 11.66 -7.58
C TYR B 69 -0.67 11.31 -8.88
N ASN B 70 -1.01 11.98 -9.99
CA ASN B 70 -0.36 11.70 -11.26
C ASN B 70 1.12 12.10 -11.20
N ASN B 71 1.41 13.21 -10.55
CA ASN B 71 2.78 13.69 -10.43
C ASN B 71 3.64 12.64 -9.69
N ASP B 72 3.11 12.09 -8.59
CA ASP B 72 3.80 11.06 -7.83
C ASP B 72 4.06 9.83 -8.71
N LEU B 73 3.02 9.39 -9.43
CA LEU B 73 3.17 8.23 -10.30
C LEU B 73 4.26 8.50 -11.33
N ASN B 74 4.24 9.69 -11.90
CA ASN B 74 5.25 10.07 -12.89
C ASN B 74 6.62 10.03 -12.23
N GLY B 75 6.70 10.49 -10.98
CA GLY B 75 7.96 10.48 -10.27
C GLY B 75 8.50 9.06 -10.10
N ILE B 76 7.59 8.08 -10.05
CA ILE B 76 8.01 6.70 -9.89
C ILE B 76 8.52 6.06 -11.16
N LYS B 77 7.70 6.06 -12.21
CA LYS B 77 8.07 5.42 -13.48
C LYS B 77 9.25 6.10 -14.18
N THR B 78 9.40 7.38 -13.90
CA THR B 78 10.42 8.20 -14.51
C THR B 78 11.80 8.11 -13.83
N ASN B 79 11.87 7.50 -12.65
CA ASN B 79 13.15 7.37 -11.94
C ASN B 79 13.61 5.91 -11.82
N ASP B 80 14.88 5.71 -11.53
CA ASP B 80 15.47 4.37 -11.43
C ASP B 80 15.05 3.50 -10.27
N ILE B 81 15.26 3.99 -9.05
CA ILE B 81 14.97 3.22 -7.87
C ILE B 81 13.78 3.74 -7.08
N MET B 82 13.04 2.80 -6.49
CA MET B 82 11.91 3.13 -5.65
C MET B 82 12.44 2.95 -4.23
N LEU B 83 12.62 4.05 -3.51
CA LEU B 83 13.12 3.98 -2.15
C LEU B 83 11.95 4.26 -1.19
N GLY B 84 11.77 3.39 -0.21
CA GLY B 84 10.70 3.56 0.76
C GLY B 84 11.28 3.70 2.15
N VAL B 85 10.98 4.81 2.83
CA VAL B 85 11.49 5.01 4.18
C VAL B 85 10.40 4.35 5.01
N TYR B 86 10.77 3.25 5.65
CA TYR B 86 9.83 2.43 6.39
C TYR B 86 9.91 2.43 7.91
N ILE B 87 8.78 2.73 8.55
CA ILE B 87 8.70 2.71 10.01
C ILE B 87 7.73 1.57 10.40
N PRO B 88 8.27 0.45 10.90
CA PRO B 88 7.47 -0.72 11.30
C PRO B 88 6.23 -0.45 12.14
N ASP B 89 6.33 0.49 13.09
CA ASP B 89 5.20 0.81 13.95
C ASP B 89 4.25 1.83 13.34
N GLU B 90 4.65 2.43 12.24
CA GLU B 90 3.82 3.42 11.58
C GLU B 90 3.87 3.21 10.07
N GLU B 91 3.29 2.10 9.65
CA GLU B 91 3.25 1.75 8.25
C GLU B 91 2.23 2.62 7.53
N ASP B 92 2.64 3.15 6.38
CA ASP B 92 1.85 4.06 5.56
C ASP B 92 1.15 3.38 4.39
N VAL B 93 -0.16 3.59 4.27
CA VAL B 93 -0.93 2.99 3.16
C VAL B 93 -0.47 3.54 1.81
N GLY B 94 -0.19 4.84 1.77
CA GLY B 94 0.25 5.49 0.54
C GLY B 94 1.55 4.88 0.02
N LEU B 95 2.50 4.67 0.93
CA LEU B 95 3.76 4.07 0.54
C LEU B 95 3.49 2.67 0.00
N GLY B 96 2.58 1.95 0.65
CA GLY B 96 2.22 0.61 0.20
C GLY B 96 1.77 0.60 -1.24
N MET B 97 0.83 1.48 -1.58
CA MET B 97 0.33 1.58 -2.95
C MET B 97 1.49 1.84 -3.92
N GLU B 98 2.41 2.71 -3.53
CA GLU B 98 3.55 3.04 -4.37
C GLU B 98 4.52 1.88 -4.55
N LEU B 99 4.62 1.01 -3.54
CA LEU B 99 5.49 -0.15 -3.65
C LEU B 99 4.92 -1.05 -4.76
N GLY B 100 3.60 -1.23 -4.72
CA GLY B 100 2.91 -2.04 -5.72
C GLY B 100 3.04 -1.44 -7.11
N TYR B 101 2.88 -0.13 -7.21
CA TYR B 101 3.02 0.57 -8.48
C TYR B 101 4.46 0.43 -8.99
N ALA B 102 5.43 0.52 -8.09
CA ALA B 102 6.84 0.39 -8.46
C ALA B 102 7.08 -0.98 -9.06
N LEU B 103 6.47 -2.01 -8.45
CA LEU B 103 6.60 -3.39 -8.92
C LEU B 103 6.11 -3.46 -10.36
N SER B 104 4.93 -2.91 -10.61
CA SER B 104 4.36 -2.93 -11.95
C SER B 104 5.27 -2.22 -12.94
N GLN B 105 5.91 -1.14 -12.49
CA GLN B 105 6.81 -0.38 -13.35
C GLN B 105 8.18 -1.04 -13.50
N GLY B 106 8.37 -2.18 -12.84
CA GLY B 106 9.63 -2.88 -12.93
C GLY B 106 10.81 -2.21 -12.28
N LYS B 107 10.58 -1.43 -11.23
CA LYS B 107 11.64 -0.74 -10.53
C LYS B 107 12.20 -1.56 -9.37
N TYR B 108 13.43 -1.23 -8.96
CA TYR B 108 14.07 -1.88 -7.84
C TYR B 108 13.41 -1.26 -6.59
N VAL B 109 12.92 -2.09 -5.67
CA VAL B 109 12.25 -1.61 -4.48
C VAL B 109 13.12 -1.81 -3.24
N LEU B 110 13.56 -0.70 -2.66
CA LEU B 110 14.43 -0.75 -1.49
C LEU B 110 13.72 -0.14 -0.29
N LEU B 111 13.58 -0.92 0.78
CA LEU B 111 12.98 -0.41 2.00
C LEU B 111 14.14 -0.13 2.96
N VAL B 112 14.12 1.05 3.60
CA VAL B 112 15.15 1.44 4.54
C VAL B 112 14.50 1.69 5.90
N ILE B 113 14.89 0.90 6.88
CA ILE B 113 14.32 0.98 8.22
C ILE B 113 15.32 1.57 9.23
N PRO B 114 14.85 2.46 10.11
CA PRO B 114 15.74 3.08 11.11
C PRO B 114 16.41 1.98 11.93
N ASP B 115 17.71 2.12 12.15
CA ASP B 115 18.49 1.15 12.90
C ASP B 115 17.85 0.69 14.19
N GLU B 116 17.16 1.58 14.88
CA GLU B 116 16.52 1.22 16.14
C GLU B 116 15.29 0.33 15.93
N ASP B 117 14.69 0.40 14.75
CA ASP B 117 13.50 -0.40 14.44
C ASP B 117 13.80 -1.68 13.65
N TYR B 118 14.95 -1.74 13.00
CA TYR B 118 15.30 -2.90 12.19
C TYR B 118 15.19 -4.21 12.95
N GLY B 119 14.38 -5.13 12.44
CA GLY B 119 14.18 -6.40 13.10
C GLY B 119 12.72 -6.58 13.48
N LYS B 120 12.05 -5.47 13.83
CA LYS B 120 10.64 -5.48 14.22
C LYS B 120 9.81 -6.05 13.09
N PRO B 121 8.65 -6.63 13.41
CA PRO B 121 7.83 -7.19 12.32
C PRO B 121 7.22 -6.19 11.36
N ILE B 122 7.27 -6.53 10.07
CA ILE B 122 6.69 -5.71 9.01
C ILE B 122 5.62 -6.52 8.30
N ASN B 123 4.71 -5.83 7.62
CA ASN B 123 3.61 -6.46 6.91
C ASN B 123 4.09 -7.41 5.81
N LEU B 124 3.44 -8.57 5.74
CA LEU B 124 3.74 -9.61 4.76
C LEU B 124 3.91 -9.06 3.35
N MET B 125 3.00 -8.20 2.91
CA MET B 125 3.08 -7.65 1.55
C MET B 125 4.27 -6.73 1.32
N SER B 126 4.59 -5.89 2.30
CA SER B 126 5.74 -4.98 2.17
C SER B 126 7.01 -5.83 2.04
N TRP B 127 7.06 -6.90 2.82
CA TRP B 127 8.19 -7.82 2.78
C TRP B 127 8.30 -8.45 1.39
N GLY B 128 7.18 -8.99 0.90
CA GLY B 128 7.18 -9.64 -0.40
C GLY B 128 7.39 -8.79 -1.65
N VAL B 129 7.07 -7.50 -1.59
CA VAL B 129 7.25 -6.66 -2.76
C VAL B 129 8.65 -6.05 -2.85
N SER B 130 9.38 -6.07 -1.74
CA SER B 130 10.72 -5.50 -1.68
C SER B 130 11.79 -6.37 -2.30
N ASP B 131 12.77 -5.74 -2.93
CA ASP B 131 13.88 -6.48 -3.50
C ASP B 131 14.99 -6.58 -2.46
N ASN B 132 14.92 -5.73 -1.43
CA ASN B 132 15.92 -5.71 -0.37
C ASN B 132 15.47 -4.75 0.72
N VAL B 133 15.82 -5.06 1.96
CA VAL B 133 15.47 -4.23 3.12
C VAL B 133 16.76 -3.96 3.92
N ILE B 134 17.14 -2.70 4.05
CA ILE B 134 18.36 -2.35 4.80
C ILE B 134 18.13 -1.41 5.98
N LYS B 135 19.20 -1.16 6.73
CA LYS B 135 19.16 -0.27 7.89
C LYS B 135 19.56 1.14 7.44
N MET B 136 19.10 2.13 8.17
CA MET B 136 19.44 3.52 7.85
C MET B 136 20.93 3.71 7.65
N SER B 137 21.74 3.13 8.54
CA SER B 137 23.18 3.26 8.48
C SER B 137 23.81 2.66 7.23
N GLN B 138 23.11 1.74 6.58
CA GLN B 138 23.64 1.14 5.36
C GLN B 138 23.32 2.00 4.14
N LEU B 139 22.40 2.95 4.29
CA LEU B 139 22.01 3.78 3.16
C LEU B 139 23.12 4.58 2.48
N LYS B 140 23.95 5.27 3.25
CA LYS B 140 25.01 6.09 2.66
C LYS B 140 25.98 5.32 1.78
N ASP B 141 26.25 4.07 2.13
CA ASP B 141 27.19 3.28 1.36
C ASP B 141 26.58 2.29 0.38
N PHE B 142 25.26 2.25 0.30
CA PHE B 142 24.60 1.32 -0.61
C PHE B 142 24.96 1.62 -2.06
N ASN B 143 25.41 0.60 -2.78
CA ASN B 143 25.79 0.76 -4.19
C ASN B 143 24.62 0.54 -5.13
N PHE B 144 23.97 1.63 -5.53
CA PHE B 144 22.82 1.56 -6.43
C PHE B 144 23.10 1.12 -7.86
N ASN B 145 24.36 1.04 -8.27
CA ASN B 145 24.68 0.61 -9.63
C ASN B 145 24.68 -0.91 -9.74
N LYS B 146 24.70 -1.57 -8.60
CA LYS B 146 24.68 -3.03 -8.54
C LYS B 146 23.61 -3.50 -7.54
N PRO B 147 22.33 -3.12 -7.75
CA PRO B 147 21.29 -3.56 -6.81
C PRO B 147 21.05 -5.06 -6.87
N ARG B 148 21.08 -5.71 -5.71
CA ARG B 148 20.86 -7.15 -5.60
C ARG B 148 19.68 -7.48 -4.69
N PHE B 149 19.16 -8.69 -4.84
CA PHE B 149 18.05 -9.16 -4.01
C PHE B 149 18.54 -9.71 -2.68
N ASP B 150 17.79 -9.45 -1.61
CA ASP B 150 18.14 -9.97 -0.30
C ASP B 150 16.96 -9.95 0.64
N PHE B 151 16.90 -10.94 1.53
CA PHE B 151 15.82 -11.05 2.50
C PHE B 151 16.00 -10.14 3.69
N TYR B 152 14.90 -9.70 4.28
CA TYR B 152 14.92 -8.85 5.46
C TYR B 152 15.30 -9.69 6.68
N GLU B 153 16.36 -9.31 7.38
CA GLU B 153 16.76 -10.05 8.58
C GLU B 153 15.82 -9.55 9.69
N GLY B 154 14.59 -10.06 9.69
CA GLY B 154 13.63 -9.63 10.68
C GLY B 154 12.34 -10.41 10.58
N ALA B 155 11.36 -10.05 11.42
CA ALA B 155 10.09 -10.77 11.42
C ALA B 155 9.07 -10.14 10.49
N VAL B 156 8.16 -10.98 9.97
CA VAL B 156 7.10 -10.49 9.09
C VAL B 156 5.77 -11.10 9.58
N TYR B 157 4.82 -10.23 9.90
CA TYR B 157 3.50 -10.65 10.39
C TYR B 157 2.51 -10.78 9.24
O5' 5MD C . -2.56 -6.49 5.47
C5' 5MD C . -3.80 -7.24 5.28
C4' 5MD C . -4.02 -7.50 3.78
O4' 5MD C . -2.84 -8.04 3.24
C1' 5MD C . -2.84 -9.50 3.28
C1 5MD C . -2.07 -10.17 4.43
C6 5MD C . -1.43 -9.39 5.34
C2 5MD C . -2.08 -11.63 4.59
O2 5MD C . -2.49 -12.51 3.84
N3 5MD C . -1.39 -12.06 5.70
C4 5MD C . -0.74 -11.28 6.62
O4 5MD C . -0.35 -11.82 7.62
N5 5MD C . -0.77 -9.92 6.42
C5 5MD C . -0.08 -9.01 7.32
C3' 5MD C . -5.09 -8.49 3.44
O3' 5MD C . -5.61 -8.21 2.16
C2' 5MD C . -4.32 -9.78 3.29
O5' 5MD D . 1.61 8.72 1.98
C5' 5MD D . 2.91 9.27 1.61
C4' 5MD D . 3.35 8.78 0.25
O4' 5MD D . 2.26 9.01 -0.65
C1' 5MD D . 2.40 10.23 -1.41
C1 5MD D . 1.48 11.32 -0.87
C6 5MD D . 0.64 11.10 0.17
C2 5MD D . 1.58 12.62 -1.45
O2 5MD D . 2.33 12.99 -2.32
N3 5MD D . 0.76 13.56 -0.82
C4 5MD D . -0.12 13.36 0.23
O4 5MD D . -0.86 14.25 0.58
N5 5MD D . -0.15 12.07 0.72
C5 5MD D . -1.11 11.69 1.73
C3' 5MD D . 4.52 9.61 -0.26
O3' 5MD D . 5.56 8.84 -0.90
C2' 5MD D . 3.88 10.59 -1.23
#